data_3KXO
#
_entry.id   3KXO
#
_cell.length_a   48.799
_cell.length_b   78.364
_cell.length_c   52.455
_cell.angle_alpha   90.00
_cell.angle_beta   91.61
_cell.angle_gamma   90.00
#
_symmetry.space_group_name_H-M   'P 1 21 1'
#
loop_
_entity.id
_entity.type
_entity.pdbx_description
1 polymer 'Glutathione-requiring prostaglandin D synthase'
2 non-polymer GLUTATHIONE
3 non-polymer 6-(3-fluorophenyl)-N-[1-(2,2,2-trifluoroethyl)piperidin-4-yl]pyridine-3-carboxamide
4 non-polymer 'MAGNESIUM ION'
5 water water
#
_entity_poly.entity_id   1
_entity_poly.type   'polypeptide(L)'
_entity_poly.pdbx_seq_one_letter_code
;GSHMPNYKLTYFNMRGRAEIIRYIFAYLDIQYEDHRIEQADWPEIKSTLPFGKIPILEVDGLTLHQSLAIARYLTKNTDL
AGNTEMEQCHVDAIVDTLDDFMSCFPWAEKKQDVKEQMFNELLTYNAPHLMQDLDTYLGGREWLIGNSVTWADFYWEICS
TTLLVFKPDLLDNHPRLVTLRKKVQAIPAVANWIKRRPQTKL
;
_entity_poly.pdbx_strand_id   A,B
#
loop_
_chem_comp.id
_chem_comp.type
_chem_comp.name
_chem_comp.formula
GSH non-polymer GLUTATHIONE 'C10 H17 N3 O6 S'
KXO non-polymer 6-(3-fluorophenyl)-N-[1-(2,2,2-trifluoroethyl)piperidin-4-yl]pyridine-3-carboxamide 'C19 H19 F4 N3 O'
MG non-polymer 'MAGNESIUM ION' 'Mg 2'
#
# COMPACT_ATOMS: atom_id res chain seq x y z
N PRO A 5 -19.80 14.13 -9.48
CA PRO A 5 -19.85 12.91 -10.29
C PRO A 5 -20.80 11.85 -9.74
N ASN A 6 -21.18 10.91 -10.58
CA ASN A 6 -21.97 9.76 -10.16
C ASN A 6 -21.02 8.65 -9.68
N TYR A 7 -20.95 8.47 -8.37
CA TYR A 7 -20.06 7.48 -7.76
C TYR A 7 -20.81 6.21 -7.36
N LYS A 8 -20.33 5.06 -7.82
CA LYS A 8 -20.85 3.77 -7.38
C LYS A 8 -19.71 2.94 -6.78
N LEU A 9 -19.77 2.75 -5.47
CA LEU A 9 -18.84 1.88 -4.74
C LEU A 9 -19.37 0.45 -4.72
N THR A 10 -18.54 -0.50 -5.15
CA THR A 10 -18.86 -1.92 -5.05
C THR A 10 -17.90 -2.63 -4.09
N TYR A 11 -18.47 -3.39 -3.16
CA TYR A 11 -17.71 -4.20 -2.20
C TYR A 11 -18.65 -5.25 -1.60
N PHE A 12 -18.13 -6.11 -0.74
CA PHE A 12 -18.98 -7.03 0.03
C PHE A 12 -19.77 -6.27 1.09
N ASN A 13 -20.79 -6.92 1.64
CA ASN A 13 -21.50 -6.40 2.80
C ASN A 13 -20.66 -6.54 4.07
N MET A 14 -19.69 -5.64 4.20
CA MET A 14 -18.85 -5.56 5.39
C MET A 14 -18.07 -4.25 5.33
N ARG A 15 -17.53 -3.82 6.48
CA ARG A 15 -16.72 -2.61 6.52
C ARG A 15 -15.45 -2.86 5.70
N GLY A 16 -14.63 -3.79 6.16
CA GLY A 16 -13.47 -4.28 5.43
C GLY A 16 -12.67 -3.18 4.77
N ARG A 17 -12.29 -3.41 3.50
CA ARG A 17 -11.40 -2.51 2.74
C ARG A 17 -12.12 -1.34 2.06
N ALA A 18 -13.46 -1.32 2.11
CA ALA A 18 -14.24 -0.23 1.51
C ALA A 18 -14.52 0.90 2.49
N GLU A 19 -14.41 0.61 3.79
CA GLU A 19 -14.91 1.51 4.83
C GLU A 19 -14.19 2.85 4.82
N ILE A 20 -12.89 2.86 4.52
CA ILE A 20 -12.14 4.12 4.45
C ILE A 20 -12.74 5.05 3.38
N ILE A 21 -13.15 4.47 2.26
CA ILE A 21 -13.82 5.23 1.20
C ILE A 21 -15.15 5.77 1.72
N ARG A 22 -15.91 4.91 2.41
CA ARG A 22 -17.21 5.28 2.97
C ARG A 22 -17.13 6.40 4.02
N TYR A 23 -16.09 6.40 4.84
CA TYR A 23 -15.89 7.50 5.81
C TYR A 23 -15.60 8.80 5.09
N ILE A 24 -14.74 8.73 4.06
CA ILE A 24 -14.35 9.91 3.32
C ILE A 24 -15.56 10.55 2.62
N PHE A 25 -16.36 9.75 1.92
CA PHE A 25 -17.59 10.25 1.30
C PHE A 25 -18.49 10.92 2.34
N ALA A 26 -18.62 10.29 3.50
CA ALA A 26 -19.47 10.80 4.57
C ALA A 26 -18.93 12.14 5.04
N TYR A 27 -17.65 12.16 5.41
CA TYR A 27 -17.01 13.37 5.91
C TYR A 27 -17.09 14.54 4.93
N LEU A 28 -16.90 14.26 3.65
CA LEU A 28 -16.94 15.31 2.63
C LEU A 28 -18.35 15.59 2.10
N ASP A 29 -19.36 14.91 2.66
CA ASP A 29 -20.77 15.04 2.26
C ASP A 29 -20.94 14.82 0.75
N ILE A 30 -20.36 13.74 0.24
CA ILE A 30 -20.43 13.40 -1.17
C ILE A 30 -21.37 12.20 -1.39
N GLN A 31 -22.40 12.39 -2.21
CA GLN A 31 -23.36 11.33 -2.51
C GLN A 31 -22.76 10.22 -3.36
N TYR A 32 -23.05 8.98 -2.98
CA TYR A 32 -22.61 7.82 -3.75
C TYR A 32 -23.54 6.66 -3.54
N GLU A 33 -23.47 5.70 -4.45
CA GLU A 33 -24.21 4.46 -4.33
C GLU A 33 -23.31 3.44 -3.64
N ASP A 34 -23.74 3.01 -2.45
CA ASP A 34 -23.00 2.04 -1.67
C ASP A 34 -23.51 0.65 -2.03
N HIS A 35 -22.91 0.08 -3.08
CA HIS A 35 -23.36 -1.19 -3.61
C HIS A 35 -22.68 -2.37 -2.92
N ARG A 36 -23.47 -3.21 -2.28
CA ARG A 36 -22.98 -4.39 -1.59
C ARG A 36 -23.44 -5.63 -2.32
N ILE A 37 -22.48 -6.50 -2.66
CA ILE A 37 -22.77 -7.65 -3.50
C ILE A 37 -23.02 -8.89 -2.64
N GLU A 38 -23.80 -9.81 -3.19
CA GLU A 38 -24.03 -11.11 -2.56
C GLU A 38 -22.84 -12.01 -2.88
N GLN A 39 -22.32 -12.70 -1.87
CA GLN A 39 -21.36 -13.80 -2.09
C GLN A 39 -21.92 -14.77 -3.13
N ALA A 40 -23.25 -14.80 -3.23
CA ALA A 40 -23.96 -15.50 -4.28
C ALA A 40 -23.45 -15.12 -5.67
N ASP A 41 -23.42 -13.82 -5.94
CA ASP A 41 -23.05 -13.32 -7.26
C ASP A 41 -21.55 -13.01 -7.37
N TRP A 42 -20.74 -13.40 -6.38
CA TRP A 42 -19.32 -13.03 -6.39
C TRP A 42 -18.51 -13.74 -7.50
N PRO A 43 -18.51 -15.10 -7.53
CA PRO A 43 -17.73 -15.78 -8.57
C PRO A 43 -18.00 -15.29 -10.01
N GLU A 44 -19.21 -14.84 -10.28
CA GLU A 44 -19.59 -14.33 -11.61
C GLU A 44 -19.07 -12.91 -11.84
N ILE A 45 -19.26 -12.05 -10.85
CA ILE A 45 -18.87 -10.63 -10.94
C ILE A 45 -17.35 -10.46 -10.94
N LYS A 46 -16.64 -11.41 -10.34
CA LYS A 46 -15.18 -11.38 -10.25
C LYS A 46 -14.49 -11.22 -11.61
N SER A 47 -15.05 -11.87 -12.64
CA SER A 47 -14.46 -11.84 -13.99
C SER A 47 -14.56 -10.48 -14.69
N THR A 48 -15.46 -9.62 -14.23
CA THR A 48 -15.63 -8.28 -14.79
C THR A 48 -14.68 -7.23 -14.22
N LEU A 49 -14.00 -7.55 -13.12
CA LEU A 49 -13.15 -6.59 -12.40
C LEU A 49 -11.73 -6.51 -12.99
N PRO A 50 -11.08 -5.33 -12.90
CA PRO A 50 -9.79 -5.11 -13.58
C PRO A 50 -8.69 -6.08 -13.14
N PHE A 51 -8.58 -6.29 -11.83
CA PHE A 51 -7.59 -7.21 -11.26
C PHE A 51 -8.27 -8.23 -10.36
N GLY A 52 -9.56 -8.46 -10.58
CA GLY A 52 -10.32 -9.50 -9.89
C GLY A 52 -10.61 -9.25 -8.42
N LYS A 53 -10.43 -8.01 -7.96
CA LYS A 53 -10.58 -7.66 -6.55
C LYS A 53 -11.54 -6.50 -6.34
N ILE A 54 -12.05 -6.40 -5.12
CA ILE A 54 -12.89 -5.28 -4.71
C ILE A 54 -12.31 -4.68 -3.42
N PRO A 55 -12.58 -3.39 -3.14
CA PRO A 55 -13.55 -2.53 -3.79
C PRO A 55 -13.12 -1.94 -5.13
N ILE A 56 -14.12 -1.61 -5.94
CA ILE A 56 -13.94 -0.74 -7.09
C ILE A 56 -14.84 0.49 -6.90
N LEU A 57 -14.46 1.59 -7.53
CA LEU A 57 -15.27 2.79 -7.54
C LEU A 57 -15.48 3.20 -9.00
N GLU A 58 -16.73 3.20 -9.44
CA GLU A 58 -17.07 3.66 -10.79
C GLU A 58 -17.43 5.14 -10.73
N VAL A 59 -16.78 5.94 -11.57
CA VAL A 59 -16.97 7.39 -11.59
C VAL A 59 -17.28 7.82 -13.02
N ASP A 60 -18.57 8.02 -13.30
CA ASP A 60 -19.02 8.34 -14.67
C ASP A 60 -18.51 7.30 -15.67
N GLY A 61 -18.80 6.03 -15.40
CA GLY A 61 -18.45 4.94 -16.32
C GLY A 61 -17.03 4.40 -16.19
N LEU A 62 -16.13 5.18 -15.60
CA LEU A 62 -14.73 4.78 -15.45
C LEU A 62 -14.54 4.00 -14.14
N THR A 63 -13.81 2.90 -14.21
CA THR A 63 -13.58 2.06 -13.04
C THR A 63 -12.25 2.37 -12.37
N LEU A 64 -12.29 2.55 -11.05
CA LEU A 64 -11.09 2.73 -10.24
C LEU A 64 -11.01 1.54 -9.27
N HIS A 65 -9.78 1.15 -8.94
CA HIS A 65 -9.57 0.05 -8.00
C HIS A 65 -8.51 0.45 -6.96
N GLN A 66 -8.31 -0.44 -5.98
CA GLN A 66 -7.40 -0.24 -4.86
C GLN A 66 -7.92 0.81 -3.88
N SER A 67 -8.34 0.34 -2.70
CA SER A 67 -9.02 1.19 -1.73
C SER A 67 -8.23 2.44 -1.30
N LEU A 68 -6.94 2.30 -1.06
CA LEU A 68 -6.14 3.44 -0.57
C LEU A 68 -5.78 4.41 -1.70
N ALA A 69 -5.66 3.90 -2.93
CA ALA A 69 -5.48 4.75 -4.10
C ALA A 69 -6.73 5.61 -4.32
N ILE A 70 -7.90 5.00 -4.15
CA ILE A 70 -9.17 5.71 -4.27
C ILE A 70 -9.31 6.72 -3.13
N ALA A 71 -8.99 6.28 -1.91
CA ALA A 71 -9.07 7.17 -0.73
C ALA A 71 -8.22 8.42 -0.90
N ARG A 72 -6.99 8.26 -1.39
CA ARG A 72 -6.09 9.39 -1.62
C ARG A 72 -6.60 10.30 -2.73
N TYR A 73 -7.17 9.70 -3.77
CA TYR A 73 -7.74 10.47 -4.86
C TYR A 73 -8.88 11.40 -4.35
N LEU A 74 -9.80 10.83 -3.59
CA LEU A 74 -10.92 11.59 -3.03
C LEU A 74 -10.54 12.66 -1.99
N THR A 75 -9.42 12.47 -1.31
CA THR A 75 -8.99 13.42 -0.29
C THR A 75 -8.03 14.50 -0.82
N LYS A 76 -7.56 14.37 -2.07
CA LYS A 76 -6.68 15.39 -2.66
C LYS A 76 -7.38 16.75 -2.66
N ASN A 77 -6.63 17.79 -2.29
CA ASN A 77 -7.16 19.15 -2.21
C ASN A 77 -8.32 19.31 -1.23
N THR A 78 -8.41 18.42 -0.24
CA THR A 78 -9.37 18.57 0.85
C THR A 78 -8.61 18.71 2.16
N ASP A 79 -9.33 19.05 3.22
CA ASP A 79 -8.73 19.18 4.54
C ASP A 79 -8.33 17.83 5.20
N LEU A 80 -8.65 16.70 4.58
CA LEU A 80 -8.22 15.39 5.09
C LEU A 80 -6.85 14.94 4.57
N ALA A 81 -6.27 15.68 3.63
CA ALA A 81 -5.10 15.21 2.87
C ALA A 81 -3.76 15.22 3.60
N GLY A 82 -3.57 16.22 4.47
CA GLY A 82 -2.24 16.56 4.96
C GLY A 82 -1.88 17.92 4.37
N ASN A 83 -1.41 18.83 5.21
CA ASN A 83 -1.27 20.23 4.83
C ASN A 83 0.00 20.56 4.06
N THR A 84 1.09 19.92 4.45
CA THR A 84 2.32 20.03 3.70
C THR A 84 2.53 18.74 2.91
N GLU A 85 3.51 18.76 2.02
CA GLU A 85 3.88 17.58 1.26
C GLU A 85 4.53 16.52 2.16
N MET A 86 5.31 16.98 3.14
CA MET A 86 5.87 16.08 4.14
C MET A 86 4.77 15.42 4.97
N GLU A 87 3.77 16.19 5.35
CA GLU A 87 2.62 15.67 6.11
C GLU A 87 1.88 14.61 5.30
N GLN A 88 1.69 14.88 4.01
CA GLN A 88 1.05 13.91 3.10
C GLN A 88 1.86 12.61 3.07
N CYS A 89 3.19 12.72 3.10
CA CYS A 89 4.04 11.53 3.19
C CYS A 89 3.77 10.75 4.47
N HIS A 90 3.69 11.47 5.60
CA HIS A 90 3.39 10.83 6.88
C HIS A 90 2.00 10.20 6.90
N VAL A 91 1.04 10.84 6.25
CA VAL A 91 -0.30 10.25 6.15
C VAL A 91 -0.21 8.91 5.39
N ASP A 92 0.41 8.95 4.22
CA ASP A 92 0.60 7.77 3.40
C ASP A 92 1.35 6.68 4.16
N ALA A 93 2.40 7.06 4.88
CA ALA A 93 3.22 6.04 5.57
C ALA A 93 2.45 5.35 6.70
N ILE A 94 1.73 6.13 7.48
CA ILE A 94 0.90 5.58 8.56
C ILE A 94 -0.19 4.67 8.00
N VAL A 95 -0.82 5.10 6.91
CA VAL A 95 -1.83 4.27 6.25
C VAL A 95 -1.27 2.93 5.78
N ASP A 96 -0.09 2.93 5.15
CA ASP A 96 0.51 1.67 4.67
C ASP A 96 1.02 0.77 5.79
N THR A 97 1.50 1.36 6.88
CA THR A 97 1.86 0.58 8.06
C THR A 97 0.65 -0.15 8.63
N LEU A 98 -0.48 0.55 8.72
CA LEU A 98 -1.72 -0.07 9.18
C LEU A 98 -2.16 -1.16 8.20
N ASP A 99 -2.15 -0.82 6.92
CA ASP A 99 -2.61 -1.72 5.88
C ASP A 99 -1.72 -2.96 5.72
N ASP A 100 -0.40 -2.79 5.87
CA ASP A 100 0.53 -3.93 5.86
C ASP A 100 0.13 -4.98 6.89
N PHE A 101 -0.16 -4.52 8.10
CA PHE A 101 -0.51 -5.42 9.19
C PHE A 101 -1.88 -6.10 9.00
N MET A 102 -2.88 -5.34 8.55
CA MET A 102 -4.20 -5.90 8.31
C MET A 102 -4.16 -6.91 7.17
N SER A 103 -3.28 -6.68 6.18
CA SER A 103 -3.13 -7.62 5.05
C SER A 103 -2.40 -8.92 5.41
N CYS A 104 -1.72 -8.94 6.55
CA CYS A 104 -1.06 -10.15 7.03
C CYS A 104 -2.05 -11.23 7.48
N PHE A 105 -3.24 -10.82 7.93
CA PHE A 105 -4.27 -11.76 8.35
C PHE A 105 -4.78 -12.59 7.17
N PRO A 106 -4.79 -13.93 7.31
CA PRO A 106 -5.30 -14.82 6.27
C PRO A 106 -6.82 -14.91 6.31
N TRP A 107 -7.48 -13.88 5.77
CA TRP A 107 -8.93 -13.74 5.88
C TRP A 107 -9.72 -14.82 5.14
N ALA A 108 -9.13 -15.37 4.08
CA ALA A 108 -9.81 -16.35 3.24
C ALA A 108 -9.27 -17.76 3.46
N GLU A 109 -8.46 -17.95 4.49
CA GLU A 109 -7.96 -19.27 4.84
C GLU A 109 -9.13 -20.21 5.14
N LYS A 110 -9.19 -21.33 4.43
CA LYS A 110 -10.24 -22.32 4.64
C LYS A 110 -9.99 -23.18 5.88
N LYS A 111 -8.74 -23.61 6.06
CA LYS A 111 -8.37 -24.48 7.18
C LYS A 111 -8.43 -23.71 8.50
N GLN A 112 -9.42 -24.06 9.33
CA GLN A 112 -9.77 -23.27 10.51
C GLN A 112 -8.70 -23.25 11.60
N ASP A 113 -8.10 -24.40 11.88
CA ASP A 113 -7.02 -24.47 12.87
C ASP A 113 -5.84 -23.59 12.45
N VAL A 114 -5.50 -23.64 11.16
CA VAL A 114 -4.42 -22.84 10.61
C VAL A 114 -4.75 -21.35 10.73
N LYS A 115 -6.00 -21.01 10.40
CA LYS A 115 -6.47 -19.64 10.47
C LYS A 115 -6.39 -19.10 11.90
N GLU A 116 -6.92 -19.86 12.85
CA GLU A 116 -6.94 -19.44 14.26
C GLU A 116 -5.54 -19.28 14.86
N GLN A 117 -4.62 -20.16 14.47
CA GLN A 117 -3.23 -20.06 14.94
C GLN A 117 -2.60 -18.76 14.42
N MET A 118 -2.80 -18.48 13.13
CA MET A 118 -2.23 -17.27 12.50
C MET A 118 -2.81 -15.97 13.08
N PHE A 119 -4.14 -15.90 13.19
CA PHE A 119 -4.80 -14.75 13.81
C PHE A 119 -4.28 -14.52 15.24
N ASN A 120 -4.19 -15.59 16.03
CA ASN A 120 -3.71 -15.47 17.40
C ASN A 120 -2.25 -15.01 17.47
N GLU A 121 -1.41 -15.57 16.61
CA GLU A 121 0.00 -15.17 16.58
C GLU A 121 0.13 -13.69 16.27
N LEU A 122 -0.57 -13.23 15.23
CA LEU A 122 -0.53 -11.81 14.83
C LEU A 122 -1.06 -10.88 15.91
N LEU A 123 -2.16 -11.26 16.55
CA LEU A 123 -2.80 -10.45 17.58
C LEU A 123 -2.02 -10.40 18.90
N THR A 124 -1.37 -11.51 19.26
CA THR A 124 -0.67 -11.57 20.54
C THR A 124 0.81 -11.18 20.45
N TYR A 125 1.41 -11.26 19.25
CA TYR A 125 2.83 -10.91 19.10
C TYR A 125 3.02 -9.61 18.33
N ASN A 126 2.50 -9.57 17.10
CA ASN A 126 2.75 -8.44 16.21
C ASN A 126 1.92 -7.19 16.55
N ALA A 127 0.65 -7.38 16.89
CA ALA A 127 -0.26 -6.26 17.14
C ALA A 127 0.21 -5.31 18.25
N PRO A 128 0.57 -5.86 19.44
CA PRO A 128 1.06 -5.00 20.51
C PRO A 128 2.27 -4.12 20.15
N HIS A 129 3.21 -4.62 19.34
CA HIS A 129 4.33 -3.78 18.90
C HIS A 129 3.86 -2.60 18.06
N LEU A 130 2.90 -2.87 17.17
CA LEU A 130 2.34 -1.83 16.32
C LEU A 130 1.57 -0.81 17.16
N MET A 131 0.78 -1.28 18.13
CA MET A 131 0.08 -0.37 19.02
C MET A 131 1.07 0.53 19.77
N GLN A 132 2.18 -0.06 20.23
CA GLN A 132 3.24 0.67 20.92
C GLN A 132 3.88 1.74 20.05
N ASP A 133 4.22 1.39 18.82
CA ASP A 133 4.81 2.36 17.87
C ASP A 133 3.86 3.48 17.48
N LEU A 134 2.58 3.16 17.29
CA LEU A 134 1.59 4.20 16.95
C LEU A 134 1.42 5.18 18.11
N ASP A 135 1.30 4.64 19.32
CA ASP A 135 1.07 5.46 20.51
C ASP A 135 2.22 6.45 20.71
N THR A 136 3.45 5.95 20.59
CA THR A 136 4.65 6.79 20.69
C THR A 136 4.69 7.83 19.58
N TYR A 137 4.35 7.40 18.37
CA TYR A 137 4.25 8.31 17.25
C TYR A 137 3.26 9.44 17.55
N LEU A 138 2.06 9.06 18.02
CA LEU A 138 1.04 10.04 18.39
C LEU A 138 1.50 11.01 19.48
N GLY A 139 2.15 10.49 20.51
CA GLY A 139 2.58 11.33 21.63
C GLY A 139 1.38 11.94 22.32
N GLY A 140 1.53 13.17 22.80
CA GLY A 140 0.42 13.92 23.39
C GLY A 140 -0.39 14.75 22.41
N ARG A 141 -0.18 14.51 21.11
CA ARG A 141 -0.82 15.31 20.06
C ARG A 141 -2.25 14.84 19.82
N GLU A 142 -3.06 15.72 19.23
CA GLU A 142 -4.50 15.46 19.12
C GLU A 142 -4.87 14.54 17.99
N TRP A 143 -4.07 14.61 16.91
CA TRP A 143 -4.26 13.78 15.73
C TRP A 143 -2.91 13.21 15.32
N LEU A 144 -2.93 12.16 14.50
CA LEU A 144 -1.70 11.47 14.10
C LEU A 144 -0.74 12.37 13.33
N ILE A 145 -1.26 13.16 12.40
CA ILE A 145 -0.41 14.05 11.59
C ILE A 145 -0.93 15.48 11.62
N GLY A 146 -0.03 16.42 11.79
CA GLY A 146 -0.33 17.83 11.68
C GLY A 146 -1.29 18.35 12.74
N ASN A 147 -2.06 19.36 12.34
CA ASN A 147 -2.88 20.14 13.26
C ASN A 147 -4.31 19.66 13.40
N SER A 148 -4.74 18.79 12.48
CA SER A 148 -6.15 18.45 12.32
C SER A 148 -6.32 17.02 11.80
N VAL A 149 -7.57 16.56 11.75
CA VAL A 149 -7.87 15.21 11.31
C VAL A 149 -7.43 14.99 9.87
N THR A 150 -6.78 13.86 9.62
CA THR A 150 -6.50 13.40 8.27
C THR A 150 -7.13 12.02 8.11
N TRP A 151 -7.13 11.51 6.89
CA TRP A 151 -7.69 10.18 6.64
C TRP A 151 -6.86 9.05 7.24
N ALA A 152 -5.63 9.36 7.68
CA ALA A 152 -4.85 8.42 8.51
C ALA A 152 -5.55 8.17 9.85
N ASP A 153 -6.14 9.21 10.44
CA ASP A 153 -6.92 9.06 11.68
C ASP A 153 -8.16 8.21 11.45
N PHE A 154 -8.85 8.42 10.33
CA PHE A 154 -9.97 7.55 9.96
C PHE A 154 -9.52 6.10 9.88
N TYR A 155 -8.41 5.86 9.18
CA TYR A 155 -7.93 4.50 8.96
C TYR A 155 -7.47 3.83 10.25
N TRP A 156 -6.89 4.61 11.17
CA TRP A 156 -6.62 4.10 12.51
C TRP A 156 -7.90 3.60 13.20
N GLU A 157 -8.94 4.43 13.20
CA GLU A 157 -10.20 4.06 13.85
C GLU A 157 -10.82 2.82 13.19
N ILE A 158 -10.75 2.75 11.86
CA ILE A 158 -11.30 1.64 11.09
C ILE A 158 -10.59 0.31 11.40
N CYS A 159 -9.26 0.31 11.26
CA CYS A 159 -8.46 -0.89 11.50
C CYS A 159 -8.60 -1.40 12.93
N SER A 160 -8.47 -0.50 13.89
CA SER A 160 -8.55 -0.88 15.30
C SER A 160 -9.95 -1.36 15.72
N THR A 161 -11.01 -0.87 15.08
CA THR A 161 -12.36 -1.42 15.31
C THR A 161 -12.38 -2.93 15.01
N THR A 162 -11.79 -3.32 13.88
CA THR A 162 -11.74 -4.74 13.51
C THR A 162 -10.82 -5.53 14.43
N LEU A 163 -9.65 -4.97 14.74
CA LEU A 163 -8.73 -5.63 15.67
C LEU A 163 -9.39 -5.85 17.04
N LEU A 164 -10.14 -4.86 17.51
CA LEU A 164 -10.83 -4.96 18.82
C LEU A 164 -11.89 -6.08 18.88
N VAL A 165 -12.41 -6.49 17.72
CA VAL A 165 -13.31 -7.63 17.63
C VAL A 165 -12.59 -8.94 18.03
N PHE A 166 -11.34 -9.09 17.63
CA PHE A 166 -10.58 -10.32 17.91
C PHE A 166 -9.74 -10.24 19.17
N LYS A 167 -9.36 -9.02 19.56
CA LYS A 167 -8.58 -8.81 20.77
C LYS A 167 -9.13 -7.60 21.51
N PRO A 168 -10.19 -7.81 22.32
CA PRO A 168 -10.83 -6.71 23.05
C PRO A 168 -9.93 -5.95 24.04
N ASP A 169 -8.85 -6.58 24.50
CA ASP A 169 -7.94 -5.93 25.45
C ASP A 169 -6.75 -5.24 24.77
N LEU A 170 -6.81 -5.13 23.44
CA LEU A 170 -5.73 -4.58 22.64
C LEU A 170 -5.19 -3.24 23.15
N LEU A 171 -6.09 -2.37 23.59
CA LEU A 171 -5.70 -0.99 23.94
C LEU A 171 -5.69 -0.69 25.44
N ASP A 172 -5.68 -1.74 26.26
CA ASP A 172 -5.69 -1.54 27.71
C ASP A 172 -4.57 -0.63 28.22
N ASN A 173 -3.41 -0.69 27.59
CA ASN A 173 -2.27 0.15 27.99
C ASN A 173 -2.04 1.34 27.06
N HIS A 174 -3.06 1.68 26.26
CA HIS A 174 -2.93 2.74 25.26
C HIS A 174 -4.13 3.70 25.29
N PRO A 175 -4.33 4.39 26.43
CA PRO A 175 -5.47 5.30 26.53
C PRO A 175 -5.45 6.42 25.50
N ARG A 176 -4.28 6.91 25.12
CA ARG A 176 -4.18 7.96 24.10
C ARG A 176 -4.69 7.50 22.73
N LEU A 177 -4.53 6.22 22.42
CA LEU A 177 -5.05 5.64 21.18
C LEU A 177 -6.58 5.44 21.26
N VAL A 178 -7.07 5.08 22.44
CA VAL A 178 -8.52 5.01 22.67
C VAL A 178 -9.15 6.40 22.51
N THR A 179 -8.48 7.42 23.04
CA THR A 179 -8.96 8.80 22.91
C THR A 179 -9.07 9.26 21.46
N LEU A 180 -8.09 8.86 20.62
CA LEU A 180 -8.11 9.17 19.20
C LEU A 180 -9.27 8.48 18.49
N ARG A 181 -9.49 7.20 18.78
CA ARG A 181 -10.66 6.50 18.23
C ARG A 181 -11.95 7.29 18.51
N LYS A 182 -12.09 7.73 19.75
CA LYS A 182 -13.27 8.47 20.18
C LYS A 182 -13.38 9.86 19.52
N LYS A 183 -12.23 10.50 19.25
CA LYS A 183 -12.22 11.78 18.52
C LYS A 183 -12.74 11.62 17.08
N VAL A 184 -12.27 10.60 16.38
CA VAL A 184 -12.74 10.30 15.05
C VAL A 184 -14.26 10.01 15.05
N GLN A 185 -14.69 9.17 15.98
CA GLN A 185 -16.11 8.82 16.17
C GLN A 185 -16.99 10.03 16.57
N ALA A 186 -16.40 11.04 17.18
CA ALA A 186 -17.12 12.26 17.60
C ALA A 186 -17.35 13.26 16.45
N ILE A 187 -16.64 13.08 15.33
CA ILE A 187 -16.87 13.96 14.18
C ILE A 187 -18.30 13.70 13.68
N PRO A 188 -19.14 14.76 13.66
CA PRO A 188 -20.57 14.62 13.34
C PRO A 188 -20.88 13.74 12.13
N ALA A 189 -20.24 14.00 10.99
CA ALA A 189 -20.50 13.25 9.76
C ALA A 189 -20.06 11.78 9.88
N VAL A 190 -18.99 11.54 10.63
CA VAL A 190 -18.53 10.17 10.90
C VAL A 190 -19.49 9.45 11.85
N ALA A 191 -19.87 10.13 12.93
CA ALA A 191 -20.85 9.62 13.89
C ALA A 191 -22.17 9.26 13.21
N ASN A 192 -22.61 10.11 12.28
CA ASN A 192 -23.82 9.86 11.52
C ASN A 192 -23.68 8.59 10.66
N TRP A 193 -22.54 8.43 10.01
CA TRP A 193 -22.29 7.25 9.18
C TRP A 193 -22.29 5.97 10.02
N ILE A 194 -21.61 6.03 11.16
CA ILE A 194 -21.47 4.87 12.03
C ILE A 194 -22.83 4.44 12.59
N LYS A 195 -23.71 5.39 12.86
CA LYS A 195 -25.03 5.02 13.34
C LYS A 195 -25.93 4.48 12.22
N ARG A 196 -25.69 4.89 10.98
CA ARG A 196 -26.55 4.51 9.85
C ARG A 196 -26.07 3.30 9.03
N ARG A 197 -24.78 2.99 9.08
CA ARG A 197 -24.20 1.92 8.25
C ARG A 197 -24.71 0.54 8.68
N PRO A 198 -24.71 -0.43 7.73
CA PRO A 198 -25.03 -1.82 8.08
C PRO A 198 -24.14 -2.38 9.18
N GLN A 199 -24.73 -3.07 10.14
CA GLN A 199 -23.98 -3.63 11.25
C GLN A 199 -23.48 -5.02 10.87
N THR A 200 -22.17 -5.12 10.66
CA THR A 200 -21.55 -6.36 10.24
C THR A 200 -20.40 -6.66 11.22
N LYS A 201 -19.96 -7.91 11.27
CA LYS A 201 -18.88 -8.26 12.19
C LYS A 201 -17.58 -7.59 11.73
N LEU A 202 -17.30 -7.72 10.44
CA LEU A 202 -16.07 -7.19 9.84
C LEU A 202 -16.35 -6.05 8.87
N PRO B 5 17.62 19.17 -0.79
CA PRO B 5 17.68 18.56 0.54
C PRO B 5 18.79 17.52 0.67
N ASN B 6 19.29 17.31 1.88
CA ASN B 6 20.17 16.19 2.15
C ASN B 6 19.34 14.93 2.30
N TYR B 7 19.61 13.94 1.45
CA TYR B 7 18.89 12.67 1.43
C TYR B 7 19.82 11.52 1.80
N LYS B 8 19.46 10.78 2.85
CA LYS B 8 20.14 9.56 3.20
C LYS B 8 19.12 8.40 3.20
N LEU B 9 19.34 7.44 2.31
CA LEU B 9 18.48 6.26 2.18
C LEU B 9 19.13 5.09 2.90
N THR B 10 18.39 4.47 3.82
CA THR B 10 18.90 3.33 4.58
C THR B 10 18.08 2.08 4.29
N TYR B 11 18.79 1.04 3.85
CA TYR B 11 18.19 -0.25 3.55
C TYR B 11 19.30 -1.30 3.58
N PHE B 12 18.90 -2.56 3.40
CA PHE B 12 19.85 -3.66 3.19
C PHE B 12 20.58 -3.55 1.85
N ASN B 13 21.63 -4.36 1.70
CA ASN B 13 22.34 -4.45 0.44
C ASN B 13 21.58 -5.34 -0.55
N MET B 14 20.47 -4.80 -1.06
CA MET B 14 19.68 -5.44 -2.11
C MET B 14 18.81 -4.39 -2.78
N ARG B 15 18.29 -4.71 -3.96
CA ARG B 15 17.36 -3.82 -4.64
C ARG B 15 16.13 -3.69 -3.74
N GLY B 16 15.41 -4.80 -3.59
CA GLY B 16 14.29 -4.94 -2.65
C GLY B 16 13.33 -3.77 -2.67
N ARG B 17 12.93 -3.34 -1.48
CA ARG B 17 11.93 -2.26 -1.33
C ARG B 17 12.52 -0.85 -1.48
N ALA B 18 13.86 -0.75 -1.51
CA ALA B 18 14.50 0.54 -1.70
C ALA B 18 14.62 0.92 -3.17
N GLU B 19 14.61 -0.07 -4.06
CA GLU B 19 14.97 0.18 -5.47
C GLU B 19 14.10 1.24 -6.16
N ILE B 20 12.81 1.28 -5.85
CA ILE B 20 11.92 2.28 -6.46
C ILE B 20 12.38 3.70 -6.11
N ILE B 21 12.83 3.89 -4.87
CA ILE B 21 13.39 5.19 -4.46
C ILE B 21 14.67 5.48 -5.27
N ARG B 22 15.52 4.47 -5.42
CA ARG B 22 16.77 4.62 -6.16
C ARG B 22 16.57 4.96 -7.65
N TYR B 23 15.55 4.38 -8.29
CA TYR B 23 15.19 4.74 -9.68
C TYR B 23 14.72 6.19 -9.77
N ILE B 24 13.90 6.61 -8.82
CA ILE B 24 13.39 7.99 -8.81
C ILE B 24 14.52 9.00 -8.62
N PHE B 25 15.42 8.75 -7.68
CA PHE B 25 16.58 9.60 -7.50
C PHE B 25 17.39 9.64 -8.80
N ALA B 26 17.61 8.48 -9.41
CA ALA B 26 18.39 8.39 -10.65
C ALA B 26 17.74 9.20 -11.77
N TYR B 27 16.44 8.98 -11.96
CA TYR B 27 15.67 9.69 -12.98
C TYR B 27 15.68 11.22 -12.79
N LEU B 28 15.56 11.67 -11.55
CA LEU B 28 15.51 13.11 -11.25
C LEU B 28 16.90 13.71 -11.02
N ASP B 29 17.93 12.89 -11.19
CA ASP B 29 19.31 13.29 -10.98
C ASP B 29 19.50 13.95 -9.61
N ILE B 30 18.99 13.28 -8.58
CA ILE B 30 19.11 13.77 -7.20
C ILE B 30 20.28 13.07 -6.50
N GLN B 31 21.15 13.84 -5.84
CA GLN B 31 22.23 13.27 -5.03
C GLN B 31 21.64 12.73 -3.74
N TYR B 32 22.07 11.53 -3.36
CA TYR B 32 21.65 10.96 -2.10
C TYR B 32 22.76 10.05 -1.61
N GLU B 33 22.75 9.74 -0.32
CA GLU B 33 23.63 8.74 0.24
C GLU B 33 22.89 7.40 0.22
N ASP B 34 23.47 6.42 -0.46
CA ASP B 34 22.87 5.10 -0.59
C ASP B 34 23.46 4.18 0.49
N HIS B 35 22.87 4.25 1.68
CA HIS B 35 23.42 3.59 2.86
C HIS B 35 22.91 2.15 2.93
N ARG B 36 23.82 1.21 2.74
CA ARG B 36 23.49 -0.20 2.71
C ARG B 36 24.02 -0.89 3.97
N ILE B 37 23.11 -1.31 4.83
CA ILE B 37 23.48 -1.94 6.09
C ILE B 37 23.61 -3.45 5.92
N GLU B 38 24.40 -4.05 6.81
CA GLU B 38 24.49 -5.49 6.93
C GLU B 38 23.56 -5.93 8.07
N GLN B 39 23.09 -7.17 8.03
CA GLN B 39 22.19 -7.71 9.08
C GLN B 39 22.70 -7.51 10.49
N ALA B 40 24.02 -7.58 10.68
CA ALA B 40 24.65 -7.38 11.98
C ALA B 40 24.44 -5.97 12.55
N ASP B 41 24.27 -4.97 11.68
CA ASP B 41 24.03 -3.59 12.12
C ASP B 41 22.54 -3.32 12.40
N TRP B 42 21.68 -4.23 11.97
CA TRP B 42 20.25 -3.98 11.94
C TRP B 42 19.59 -3.85 13.33
N PRO B 43 19.87 -4.78 14.26
CA PRO B 43 19.26 -4.67 15.60
C PRO B 43 19.38 -3.29 16.26
N GLU B 44 20.58 -2.70 16.21
CA GLU B 44 20.82 -1.37 16.77
C GLU B 44 20.03 -0.29 16.02
N ILE B 45 20.17 -0.29 14.70
CA ILE B 45 19.47 0.69 13.85
C ILE B 45 17.95 0.59 14.05
N LYS B 46 17.43 -0.63 14.03
CA LYS B 46 16.01 -0.92 14.19
C LYS B 46 15.43 -0.29 15.45
N SER B 47 16.17 -0.38 16.55
CA SER B 47 15.70 0.14 17.84
C SER B 47 15.58 1.66 17.85
N THR B 48 16.16 2.34 16.86
CA THR B 48 16.10 3.79 16.77
C THR B 48 14.95 4.29 15.88
N LEU B 49 14.34 3.40 15.10
CA LEU B 49 13.31 3.81 14.14
C LEU B 49 11.90 3.76 14.74
N PRO B 50 11.11 4.84 14.56
CA PRO B 50 9.71 4.90 14.97
C PRO B 50 8.90 3.63 14.70
N PHE B 51 8.99 3.05 13.51
CA PHE B 51 8.21 1.83 13.19
C PHE B 51 9.05 0.58 12.91
N GLY B 52 10.37 0.68 13.08
CA GLY B 52 11.22 -0.51 13.14
C GLY B 52 11.43 -1.27 11.84
N LYS B 53 11.10 -0.65 10.71
CA LYS B 53 11.28 -1.28 9.39
C LYS B 53 12.06 -0.37 8.45
N ILE B 54 12.65 -0.99 7.44
CA ILE B 54 13.35 -0.26 6.38
C ILE B 54 12.79 -0.65 5.01
N PRO B 55 12.92 0.23 4.02
CA PRO B 55 13.70 1.46 3.96
C PRO B 55 13.15 2.65 4.75
N ILE B 56 14.08 3.51 5.15
CA ILE B 56 13.77 4.85 5.63
C ILE B 56 14.55 5.84 4.77
N LEU B 57 14.03 7.06 4.67
CA LEU B 57 14.74 8.14 4.04
C LEU B 57 14.82 9.29 5.03
N GLU B 58 16.05 9.70 5.35
CA GLU B 58 16.26 10.84 6.20
C GLU B 58 16.39 12.06 5.30
N VAL B 59 15.45 12.99 5.45
CA VAL B 59 15.42 14.23 4.70
C VAL B 59 15.85 15.36 5.65
N ASP B 60 17.05 15.87 5.45
CA ASP B 60 17.66 16.82 6.37
C ASP B 60 17.52 16.35 7.82
N GLY B 61 17.79 15.07 8.04
CA GLY B 61 17.78 14.49 9.38
C GLY B 61 16.43 14.04 9.89
N LEU B 62 15.36 14.32 9.15
CA LEU B 62 14.02 13.88 9.54
C LEU B 62 13.71 12.53 8.88
N THR B 63 13.38 11.53 9.68
CA THR B 63 13.17 10.18 9.15
C THR B 63 11.77 9.99 8.56
N LEU B 64 11.72 9.68 7.27
CA LEU B 64 10.50 9.21 6.62
C LEU B 64 10.59 7.70 6.48
N HIS B 65 9.43 7.03 6.44
CA HIS B 65 9.38 5.59 6.24
C HIS B 65 8.29 5.19 5.22
N GLN B 66 8.23 3.89 4.94
CA GLN B 66 7.33 3.29 3.95
C GLN B 66 7.74 3.64 2.53
N SER B 67 8.28 2.65 1.82
CA SER B 67 8.92 2.85 0.51
C SER B 67 8.05 3.55 -0.53
N LEU B 68 6.76 3.22 -0.56
CA LEU B 68 5.86 3.79 -1.57
C LEU B 68 5.34 5.16 -1.19
N ALA B 69 5.23 5.40 0.12
CA ALA B 69 4.93 6.75 0.62
C ALA B 69 6.05 7.70 0.27
N ILE B 70 7.28 7.27 0.51
CA ILE B 70 8.48 8.03 0.15
C ILE B 70 8.57 8.26 -1.36
N ALA B 71 8.37 7.19 -2.13
CA ALA B 71 8.36 7.27 -3.59
C ALA B 71 7.37 8.32 -4.11
N ARG B 72 6.14 8.31 -3.58
CA ARG B 72 5.12 9.28 -3.99
C ARG B 72 5.51 10.71 -3.61
N TYR B 73 6.08 10.87 -2.43
CA TYR B 73 6.62 12.15 -1.95
C TYR B 73 7.65 12.71 -2.94
N LEU B 74 8.59 11.86 -3.35
CA LEU B 74 9.69 12.31 -4.23
C LEU B 74 9.22 12.65 -5.65
N THR B 75 8.09 12.07 -6.06
CA THR B 75 7.57 12.28 -7.41
C THR B 75 6.49 13.37 -7.50
N LYS B 76 6.01 13.83 -6.34
CA LYS B 76 5.08 14.97 -6.26
C LYS B 76 5.57 16.14 -7.11
N ASN B 77 4.70 16.64 -7.97
CA ASN B 77 4.99 17.76 -8.87
C ASN B 77 6.05 17.46 -9.94
N THR B 78 6.33 16.19 -10.19
CA THR B 78 7.24 15.80 -11.26
C THR B 78 6.45 15.07 -12.35
N ASP B 79 7.10 14.88 -13.49
CA ASP B 79 6.51 14.15 -14.62
C ASP B 79 6.36 12.64 -14.39
N LEU B 80 6.81 12.13 -13.24
CA LEU B 80 6.63 10.71 -12.91
C LEU B 80 5.32 10.41 -12.16
N ALA B 81 4.70 11.44 -11.60
CA ALA B 81 3.52 11.29 -10.73
C ALA B 81 2.22 10.94 -11.43
N GLY B 82 2.13 11.26 -12.72
CA GLY B 82 0.86 11.26 -13.44
C GLY B 82 0.42 12.72 -13.60
N ASN B 83 -0.09 13.05 -14.77
CA ASN B 83 -0.37 14.44 -15.12
C ASN B 83 -1.55 14.98 -14.30
N THR B 84 -2.65 14.23 -14.32
CA THR B 84 -3.86 14.64 -13.60
C THR B 84 -4.05 13.83 -12.31
N GLU B 85 -5.03 14.26 -11.52
CA GLU B 85 -5.37 13.60 -10.29
C GLU B 85 -5.92 12.19 -10.56
N MET B 86 -6.68 12.04 -11.65
CA MET B 86 -7.15 10.73 -12.06
C MET B 86 -5.99 9.81 -12.45
N GLU B 87 -5.05 10.33 -13.24
CA GLU B 87 -3.85 9.57 -13.63
C GLU B 87 -3.03 9.17 -12.41
N GLN B 88 -2.92 10.09 -11.45
CA GLN B 88 -2.25 9.81 -10.19
C GLN B 88 -2.93 8.65 -9.44
N CYS B 89 -4.27 8.60 -9.49
CA CYS B 89 -5.01 7.48 -8.91
C CYS B 89 -4.65 6.15 -9.58
N HIS B 90 -4.61 6.15 -10.91
CA HIS B 90 -4.27 4.96 -11.67
C HIS B 90 -2.85 4.50 -11.38
N VAL B 91 -1.94 5.46 -11.25
CA VAL B 91 -0.55 5.15 -10.91
C VAL B 91 -0.51 4.48 -9.55
N ASP B 92 -1.13 5.11 -8.57
CA ASP B 92 -1.21 4.59 -7.22
C ASP B 92 -1.81 3.19 -7.17
N ALA B 93 -2.85 2.97 -7.95
CA ALA B 93 -3.57 1.68 -7.95
C ALA B 93 -2.70 0.56 -8.51
N ILE B 94 -2.09 0.77 -9.66
CA ILE B 94 -1.16 -0.20 -10.26
C ILE B 94 0.02 -0.51 -9.32
N VAL B 95 0.56 0.53 -8.69
CA VAL B 95 1.63 0.35 -7.70
C VAL B 95 1.23 -0.56 -6.54
N ASP B 96 0.04 -0.34 -5.97
CA ASP B 96 -0.46 -1.16 -4.86
C ASP B 96 -0.84 -2.59 -5.31
N THR B 97 -1.31 -2.75 -6.54
CA THR B 97 -1.56 -4.09 -7.07
C THR B 97 -0.25 -4.89 -7.14
N LEU B 98 0.79 -4.27 -7.68
CA LEU B 98 2.10 -4.90 -7.73
C LEU B 98 2.65 -5.17 -6.33
N ASP B 99 2.58 -4.17 -5.47
CA ASP B 99 3.09 -4.31 -4.12
C ASP B 99 2.33 -5.36 -3.33
N ASP B 100 1.00 -5.40 -3.49
CA ASP B 100 0.19 -6.44 -2.85
C ASP B 100 0.73 -7.82 -3.17
N PHE B 101 1.02 -8.07 -4.44
CA PHE B 101 1.50 -9.38 -4.85
C PHE B 101 2.86 -9.71 -4.26
N MET B 102 3.81 -8.78 -4.37
CA MET B 102 5.17 -8.96 -3.86
C MET B 102 5.16 -9.19 -2.36
N SER B 103 4.26 -8.51 -1.65
CA SER B 103 4.14 -8.66 -0.20
C SER B 103 3.51 -10.00 0.24
N CYS B 104 2.91 -10.74 -0.69
CA CYS B 104 2.37 -12.07 -0.38
C CYS B 104 3.47 -13.10 -0.17
N PHE B 105 4.64 -12.88 -0.75
CA PHE B 105 5.74 -13.83 -0.62
C PHE B 105 6.29 -13.83 0.82
N PRO B 106 6.35 -15.02 1.45
CA PRO B 106 6.85 -15.08 2.82
C PRO B 106 8.39 -15.03 2.84
N TRP B 107 8.92 -13.81 2.64
CA TRP B 107 10.36 -13.60 2.48
C TRP B 107 11.15 -13.97 3.73
N ALA B 108 10.60 -13.63 4.91
CA ALA B 108 11.27 -13.88 6.18
C ALA B 108 10.57 -14.98 7.00
N GLU B 109 10.04 -15.98 6.31
CA GLU B 109 9.45 -17.15 6.97
C GLU B 109 10.57 -18.04 7.51
N LYS B 110 10.46 -18.39 8.79
CA LYS B 110 11.48 -19.14 9.52
C LYS B 110 11.56 -20.60 9.06
N LYS B 111 10.40 -21.19 8.79
CA LYS B 111 10.33 -22.59 8.36
C LYS B 111 10.46 -22.71 6.84
N GLN B 112 11.52 -23.41 6.40
CA GLN B 112 11.75 -23.66 4.98
C GLN B 112 10.67 -24.59 4.47
N ASP B 113 10.36 -24.49 3.18
CA ASP B 113 9.45 -25.42 2.50
C ASP B 113 7.97 -25.27 2.87
N VAL B 114 7.66 -24.47 3.89
CA VAL B 114 6.40 -23.73 3.91
C VAL B 114 6.65 -22.47 3.08
N LYS B 115 7.87 -21.95 3.16
CA LYS B 115 8.31 -20.81 2.35
C LYS B 115 8.52 -21.21 0.88
N GLU B 116 9.22 -22.32 0.65
CA GLU B 116 9.51 -22.77 -0.72
C GLU B 116 8.23 -23.19 -1.48
N GLN B 117 7.25 -23.71 -0.76
CA GLN B 117 6.02 -24.19 -1.39
C GLN B 117 5.01 -23.05 -1.56
N MET B 118 5.00 -22.09 -0.64
CA MET B 118 4.22 -20.86 -0.83
C MET B 118 4.76 -20.08 -2.03
N PHE B 119 6.08 -20.06 -2.18
CA PHE B 119 6.73 -19.43 -3.34
C PHE B 119 6.31 -20.07 -4.66
N ASN B 120 6.32 -21.40 -4.72
CA ASN B 120 5.95 -22.12 -5.93
C ASN B 120 4.48 -21.95 -6.27
N GLU B 121 3.63 -21.98 -5.24
CA GLU B 121 2.21 -21.75 -5.42
C GLU B 121 1.92 -20.35 -5.96
N LEU B 122 2.55 -19.33 -5.37
CA LEU B 122 2.33 -17.95 -5.83
C LEU B 122 2.80 -17.77 -7.27
N LEU B 123 3.99 -18.29 -7.56
CA LEU B 123 4.60 -18.14 -8.88
C LEU B 123 3.87 -18.95 -9.94
N THR B 124 3.47 -20.17 -9.60
CA THR B 124 2.85 -21.08 -10.58
C THR B 124 1.37 -20.78 -10.78
N TYR B 125 0.66 -20.55 -9.67
CA TYR B 125 -0.80 -20.48 -9.68
C TYR B 125 -1.39 -19.07 -9.74
N ASN B 126 -0.63 -18.07 -9.33
CA ASN B 126 -1.17 -16.71 -9.17
C ASN B 126 -0.52 -15.67 -10.07
N ALA B 127 0.81 -15.78 -10.23
CA ALA B 127 1.57 -14.81 -11.02
C ALA B 127 1.06 -14.69 -12.47
N PRO B 128 0.87 -15.81 -13.18
CA PRO B 128 0.32 -15.73 -14.53
C PRO B 128 -0.97 -14.91 -14.63
N HIS B 129 -1.88 -15.11 -13.70
CA HIS B 129 -3.15 -14.38 -13.66
C HIS B 129 -2.93 -12.87 -13.57
N LEU B 130 -2.03 -12.46 -12.67
CA LEU B 130 -1.67 -11.05 -12.51
C LEU B 130 -1.03 -10.48 -13.78
N MET B 131 -0.11 -11.23 -14.38
CA MET B 131 0.54 -10.78 -15.63
C MET B 131 -0.50 -10.54 -16.72
N GLN B 132 -1.50 -11.43 -16.79
CA GLN B 132 -2.57 -11.29 -17.75
C GLN B 132 -3.38 -10.03 -17.52
N ASP B 133 -3.76 -9.79 -16.27
CA ASP B 133 -4.48 -8.58 -15.89
C ASP B 133 -3.67 -7.32 -16.15
N LEU B 134 -2.36 -7.39 -15.92
CA LEU B 134 -1.47 -6.26 -16.23
C LEU B 134 -1.43 -5.99 -17.74
N ASP B 135 -1.30 -7.05 -18.54
CA ASP B 135 -1.28 -6.93 -20.00
C ASP B 135 -2.59 -6.34 -20.51
N THR B 136 -3.70 -6.89 -20.05
CA THR B 136 -5.04 -6.39 -20.36
C THR B 136 -5.19 -4.92 -20.01
N TYR B 137 -4.73 -4.55 -18.81
CA TYR B 137 -4.77 -3.15 -18.37
C TYR B 137 -3.94 -2.22 -19.25
N LEU B 138 -2.75 -2.67 -19.63
CA LEU B 138 -1.87 -1.92 -20.54
C LEU B 138 -2.54 -1.71 -21.90
N GLY B 139 -3.29 -2.73 -22.34
CA GLY B 139 -4.18 -2.61 -23.49
C GLY B 139 -3.53 -2.16 -24.78
N GLY B 140 -2.32 -2.66 -25.04
CA GLY B 140 -1.56 -2.31 -26.23
C GLY B 140 -0.89 -0.94 -26.21
N ARG B 141 -1.10 -0.17 -25.13
CA ARG B 141 -0.54 1.19 -25.04
C ARG B 141 0.94 1.15 -24.69
N GLU B 142 1.59 2.31 -24.82
CA GLU B 142 3.03 2.41 -24.66
C GLU B 142 3.47 2.31 -23.20
N TRP B 143 2.73 2.97 -22.31
CA TRP B 143 3.02 2.97 -20.88
C TRP B 143 1.76 2.59 -20.10
N LEU B 144 1.94 2.12 -18.87
CA LEU B 144 0.81 1.68 -18.04
C LEU B 144 -0.24 2.77 -17.82
N ILE B 145 0.18 4.01 -17.58
CA ILE B 145 -0.75 5.13 -17.39
C ILE B 145 -0.42 6.30 -18.34
N GLY B 146 -1.43 6.73 -19.08
CA GLY B 146 -1.31 7.89 -19.97
C GLY B 146 -0.28 7.72 -21.07
N ASN B 147 0.28 8.85 -21.48
CA ASN B 147 1.11 8.91 -22.69
C ASN B 147 2.60 9.03 -22.45
N SER B 148 3.01 8.99 -21.19
CA SER B 148 4.43 9.06 -20.82
C SER B 148 4.73 8.21 -19.61
N VAL B 149 6.01 8.00 -19.33
CA VAL B 149 6.45 7.13 -18.23
C VAL B 149 6.04 7.70 -16.87
N THR B 150 5.61 6.81 -15.98
CA THR B 150 5.35 7.14 -14.60
C THR B 150 6.13 6.20 -13.70
N TRP B 151 6.13 6.46 -12.40
CA TRP B 151 6.81 5.57 -11.47
C TRP B 151 6.08 4.22 -11.31
N ALA B 152 4.86 4.11 -11.81
CA ALA B 152 4.21 2.80 -11.96
C ALA B 152 4.99 1.90 -12.93
N ASP B 153 5.48 2.47 -14.03
CA ASP B 153 6.27 1.70 -14.99
C ASP B 153 7.60 1.25 -14.39
N PHE B 154 8.24 2.13 -13.62
CA PHE B 154 9.45 1.78 -12.87
C PHE B 154 9.19 0.57 -11.96
N TYR B 155 8.10 0.64 -11.22
CA TYR B 155 7.78 -0.39 -10.24
C TYR B 155 7.39 -1.70 -10.93
N TRP B 156 6.67 -1.61 -12.04
CA TRP B 156 6.47 -2.77 -12.90
C TRP B 156 7.81 -3.41 -13.24
N GLU B 157 8.75 -2.60 -13.74
CA GLU B 157 10.06 -3.10 -14.14
C GLU B 157 10.85 -3.70 -12.97
N ILE B 158 10.80 -3.06 -11.82
CA ILE B 158 11.46 -3.54 -10.61
C ILE B 158 10.86 -4.86 -10.10
N CYS B 159 9.54 -4.91 -9.97
CA CYS B 159 8.86 -6.11 -9.45
C CYS B 159 9.04 -7.31 -10.41
N SER B 160 8.94 -7.05 -11.70
CA SER B 160 9.09 -8.13 -12.68
C SER B 160 10.53 -8.65 -12.71
N THR B 161 11.51 -7.79 -12.48
CA THR B 161 12.92 -8.21 -12.43
C THR B 161 13.08 -9.28 -11.36
N THR B 162 12.52 -9.01 -10.18
CA THR B 162 12.61 -9.95 -9.06
C THR B 162 11.80 -11.22 -9.31
N LEU B 163 10.59 -11.10 -9.88
CA LEU B 163 9.80 -12.29 -10.22
C LEU B 163 10.52 -13.18 -11.22
N LEU B 164 11.17 -12.57 -12.20
CA LEU B 164 11.92 -13.32 -13.21
C LEU B 164 13.09 -14.14 -12.63
N VAL B 165 13.64 -13.69 -11.50
CA VAL B 165 14.68 -14.44 -10.81
C VAL B 165 14.17 -15.86 -10.50
N PHE B 166 12.96 -15.93 -9.98
CA PHE B 166 12.37 -17.20 -9.54
C PHE B 166 11.55 -17.90 -10.61
N LYS B 167 11.13 -17.17 -11.64
CA LYS B 167 10.27 -17.73 -12.69
C LYS B 167 10.66 -17.14 -14.05
N PRO B 168 11.69 -17.71 -14.70
CA PRO B 168 12.23 -17.20 -15.95
C PRO B 168 11.22 -17.09 -17.08
N ASP B 169 10.16 -17.91 -17.05
CA ASP B 169 9.14 -17.92 -18.10
C ASP B 169 7.95 -17.00 -17.80
N LEU B 170 8.09 -16.17 -16.76
CA LEU B 170 7.01 -15.27 -16.30
C LEU B 170 6.29 -14.54 -17.43
N LEU B 171 7.06 -14.05 -18.41
CA LEU B 171 6.52 -13.19 -19.46
C LEU B 171 6.56 -13.81 -20.85
N ASP B 172 6.63 -15.13 -20.94
CA ASP B 172 6.72 -15.81 -22.24
C ASP B 172 5.43 -15.72 -23.04
N ASN B 173 4.28 -15.60 -22.37
CA ASN B 173 2.99 -15.36 -23.02
C ASN B 173 2.59 -13.89 -23.07
N HIS B 174 3.53 -12.98 -22.80
CA HIS B 174 3.25 -11.55 -22.70
C HIS B 174 4.37 -10.67 -23.25
N PRO B 175 4.60 -10.74 -24.58
CA PRO B 175 5.66 -9.95 -25.22
C PRO B 175 5.50 -8.42 -25.07
N ARG B 176 4.27 -7.94 -24.87
CA ARG B 176 4.03 -6.51 -24.70
C ARG B 176 4.53 -6.03 -23.32
N LEU B 177 4.48 -6.90 -22.34
CA LEU B 177 5.03 -6.62 -21.01
C LEU B 177 6.57 -6.67 -21.01
N VAL B 178 7.14 -7.58 -21.80
CA VAL B 178 8.59 -7.59 -22.04
C VAL B 178 9.03 -6.28 -22.72
N THR B 179 8.32 -5.89 -23.76
CA THR B 179 8.57 -4.62 -24.44
C THR B 179 8.53 -3.43 -23.48
N LEU B 180 7.56 -3.41 -22.56
CA LEU B 180 7.48 -2.34 -21.56
C LEU B 180 8.68 -2.34 -20.61
N ARG B 181 9.08 -3.51 -20.13
CA ARG B 181 10.31 -3.63 -19.33
C ARG B 181 11.50 -2.99 -20.04
N LYS B 182 11.70 -3.38 -21.30
CA LYS B 182 12.83 -2.90 -22.08
C LYS B 182 12.80 -1.39 -22.26
N LYS B 183 11.59 -0.83 -22.40
CA LYS B 183 11.41 0.61 -22.62
C LYS B 183 11.81 1.42 -21.38
N VAL B 184 11.37 0.96 -20.21
CA VAL B 184 11.82 1.53 -18.95
C VAL B 184 13.35 1.43 -18.85
N GLN B 185 13.88 0.26 -19.19
CA GLN B 185 15.31 0.00 -19.05
C GLN B 185 16.18 0.82 -20.00
N ALA B 186 15.59 1.30 -21.09
CA ALA B 186 16.29 2.13 -22.08
C ALA B 186 16.28 3.65 -21.75
N ILE B 187 15.46 4.08 -20.81
CA ILE B 187 15.45 5.48 -20.40
C ILE B 187 16.87 5.79 -19.89
N PRO B 188 17.56 6.79 -20.49
CA PRO B 188 19.00 6.94 -20.21
C PRO B 188 19.36 6.97 -18.72
N ALA B 189 18.68 7.79 -17.93
CA ALA B 189 19.00 7.88 -16.49
C ALA B 189 18.78 6.54 -15.80
N VAL B 190 17.78 5.80 -16.25
CA VAL B 190 17.50 4.46 -15.68
C VAL B 190 18.51 3.43 -16.18
N ALA B 191 18.82 3.49 -17.48
CA ALA B 191 19.85 2.64 -18.05
C ALA B 191 21.16 2.81 -17.29
N ASN B 192 21.52 4.05 -16.99
CA ASN B 192 22.79 4.36 -16.31
C ASN B 192 22.85 3.79 -14.89
N TRP B 193 21.74 3.90 -14.16
CA TRP B 193 21.66 3.35 -12.81
C TRP B 193 21.73 1.81 -12.84
N ILE B 194 21.01 1.20 -13.78
CA ILE B 194 20.98 -0.26 -13.93
C ILE B 194 22.37 -0.84 -14.24
N LYS B 195 23.17 -0.15 -15.04
CA LYS B 195 24.54 -0.63 -15.31
C LYS B 195 25.52 -0.36 -14.15
N ARG B 196 25.23 0.62 -13.30
CA ARG B 196 26.15 1.02 -12.22
C ARG B 196 25.81 0.47 -10.83
N ARG B 197 24.58 0.01 -10.63
CA ARG B 197 24.14 -0.37 -9.28
C ARG B 197 24.84 -1.64 -8.80
N PRO B 198 25.01 -1.80 -7.48
CA PRO B 198 25.51 -3.06 -6.94
C PRO B 198 24.69 -4.23 -7.44
N GLN B 199 25.36 -5.29 -7.89
CA GLN B 199 24.66 -6.46 -8.38
C GLN B 199 24.39 -7.39 -7.22
N THR B 200 23.11 -7.55 -6.90
CA THR B 200 22.67 -8.43 -5.84
C THR B 200 21.64 -9.36 -6.43
N LYS B 201 21.35 -10.47 -5.77
CA LYS B 201 20.35 -11.40 -6.28
C LYS B 201 18.97 -10.75 -6.23
N LEU B 202 18.60 -10.21 -5.07
CA LEU B 202 17.28 -9.61 -4.86
C LEU B 202 17.34 -8.10 -4.71
N1 GSH C . -5.10 -3.95 -1.80
CA1 GSH C . -6.45 -4.33 -1.42
C1 GSH C . -7.31 -3.10 -1.50
O11 GSH C . -7.25 -2.30 -0.54
O12 GSH C . -8.05 -2.81 -2.48
CB1 GSH C . -6.88 -5.52 -2.27
CG1 GSH C . -8.38 -5.78 -2.28
CD1 GSH C . -8.75 -7.21 -1.98
OE1 GSH C . -7.79 -8.25 -2.04
N2 GSH C . -10.01 -7.40 -1.65
CA2 GSH C . -10.55 -8.72 -1.38
C2 GSH C . -10.99 -9.44 -2.63
O2 GSH C . -11.51 -8.75 -3.73
CB2 GSH C . -11.74 -8.59 -0.43
SG2 GSH C . -11.30 -7.81 1.14
N3 GSH C . -10.87 -10.78 -2.60
CA3 GSH C . -11.77 -11.66 -3.33
C3 GSH C . -11.02 -12.53 -4.31
O31 GSH C . -11.65 -13.29 -5.08
O32 GSH C . -9.77 -12.52 -4.37
C4 KXO D . -10.54 -8.61 4.70
C5 KXO D . -9.83 -7.47 5.00
C6 KXO D . -9.90 -4.67 7.43
C7 KXO D . -12.00 -8.05 6.49
C8 KXO D . -12.29 -12.68 2.74
C10 KXO D . -13.12 -13.81 2.14
C13 KXO D . -9.57 -5.42 6.33
C15 KXO D . -11.65 -8.90 5.47
C17 KXO D . -13.16 -11.67 3.46
C1 KXO D . -7.95 -3.75 5.72
C2 KXO D . -8.59 -4.95 5.49
C3 KXO D . -8.29 -3.00 6.82
C9 KXO D . -14.23 -11.13 2.54
C11 KXO D . -15.10 -12.26 2.01
C12 KXO D . -13.89 -12.91 -0.08
C14 KXO D . -9.26 -3.46 7.67
C16 KXO D . -10.26 -6.66 6.03
C18 KXO D . -12.46 -10.10 5.21
C19 KXO D . -14.39 -14.02 -0.98
N20 KXO D . -11.33 -6.93 6.79
N21 KXO D . -12.33 -10.58 3.93
N22 KXO D . -14.25 -13.26 1.33
O23 KXO D . -13.15 -10.57 6.10
F24 KXO D . -9.60 -2.75 8.74
F25 KXO D . -15.70 -14.31 -0.72
F26 KXO D . -14.31 -13.63 -2.28
F27 KXO D . -13.64 -15.14 -0.83
MG MG E . 0.16 -1.74 0.42
N1 GSH F . 5.52 -1.80 3.47
CA1 GSH F . 6.95 -2.05 3.46
C1 GSH F . 7.65 -0.86 2.82
O11 GSH F . 7.54 -0.78 1.58
O12 GSH F . 8.32 -0.02 3.45
CB1 GSH F . 7.46 -2.39 4.85
CG1 GSH F . 8.99 -2.49 4.94
CD1 GSH F . 9.49 -3.81 5.48
OE1 GSH F . 8.66 -4.71 6.19
N2 GSH F . 10.77 -4.04 5.23
CA2 GSH F . 11.50 -5.20 5.70
C2 GSH F . 12.08 -5.04 7.07
O2 GSH F . 12.23 -3.78 7.64
CB2 GSH F . 12.67 -5.45 4.75
SG2 GSH F . 12.16 -5.74 3.05
N3 GSH F . 12.47 -6.15 7.68
CA3 GSH F . 13.31 -6.14 8.87
C3 GSH F . 12.46 -6.31 10.10
O31 GSH F . 12.95 -6.35 11.24
O32 GSH F . 11.21 -6.39 9.97
C4 KXO G . 11.78 -8.37 0.74
C5 KXO G . 10.98 -7.63 -0.11
C6 KXO G . 10.78 -6.79 -3.72
C7 KXO G . 12.98 -9.08 -1.19
C8 KXO G . 15.21 -8.92 4.26
C10 KXO G . 16.53 -9.39 4.85
C13 KXO G . 10.42 -6.90 -2.40
C15 KXO G . 12.79 -9.11 0.16
C17 KXO G . 14.61 -9.94 3.31
C1 KXO G . 8.52 -5.49 -2.86
C2 KXO G . 9.28 -6.23 -1.98
C3 KXO G . 8.89 -5.39 -4.17
C9 KXO G . 15.55 -11.10 3.06
C11 KXO G . 16.94 -10.63 2.68
C12 KXO G . 18.41 -8.73 3.34
C14 KXO G . 10.03 -6.04 -4.60
C16 KXO G . 11.23 -7.66 -1.47
C18 KXO G . 13.69 -9.93 0.99
C19 KXO G . 19.85 -9.19 3.47
N20 KXO G . 12.22 -8.37 -2.03
N21 KXO G . 14.20 -9.27 2.09
N22 KXO G . 17.49 -9.81 3.79
O23 KXO G . 13.92 -11.07 0.64
F24 KXO G . 10.39 -5.96 -5.88
F25 KXO G . 20.17 -10.06 2.47
F26 KXO G . 20.70 -8.14 3.41
F27 KXO G . 20.04 -9.81 4.68
#